data_5FMK
#
_entry.id   5FMK
#
_cell.length_a   77.668
_cell.length_b   55.459
_cell.length_c   61.053
_cell.angle_alpha   90.00
_cell.angle_beta   127.12
_cell.angle_gamma   90.00
#
_symmetry.space_group_name_H-M   'C 1 2 1'
#
loop_
_entity.id
_entity.type
_entity.pdbx_description
1 polymer BCL-XL
2 polymer 'BCL-2 HOMOLOGOUS ANTAGONIST/KILLER'
3 non-polymer GLYCEROL
4 water water
#
loop_
_entity_poly.entity_id
_entity_poly.type
_entity_poly.pdbx_seq_one_letter_code
_entity_poly.pdbx_strand_id
1 'polypeptide(L)'
;GPLGSMSQSNRELVVDFLSYKLSQKGYSWSQMAAVKQALREAGDEFELRYRRAFSDLTSQLHITPGTAYQSFEQVVNELF
RDGVNWGRIVAFFSFGGALCVESVDKEMQVLVSRIASWMATYLNDHLEPWIQENGGWDTFVELYGNNAAAESRKGQER
;
A
2 'polypeptide(L)' LPLQPSSTMGQVGRQLAIIGDDINRRYDSEFQTM B
#
# COMPACT_ATOMS: atom_id res chain seq x y z
N SER A 7 0.87 29.34 13.05
CA SER A 7 1.50 28.55 12.01
C SER A 7 0.76 27.24 11.77
N GLN A 8 0.37 27.02 10.51
CA GLN A 8 -0.30 25.79 10.13
C GLN A 8 0.62 24.58 10.31
N SER A 9 1.94 24.78 10.28
CA SER A 9 2.87 23.68 10.51
C SER A 9 2.77 23.17 11.94
N ASN A 10 2.58 24.07 12.90
CA ASN A 10 2.46 23.62 14.28
C ASN A 10 1.17 22.83 14.49
N ARG A 11 0.07 23.26 13.86
CA ARG A 11 -1.17 22.51 13.95
C ARG A 11 -1.01 21.11 13.37
N GLU A 12 -0.31 20.99 12.23
CA GLU A 12 -0.14 19.68 11.62
C GLU A 12 0.68 18.76 12.50
N LEU A 13 1.70 19.29 13.15
CA LEU A 13 2.51 18.48 14.06
C LEU A 13 1.66 18.00 15.24
N VAL A 14 0.85 18.88 15.80
CA VAL A 14 -0.03 18.50 16.91
C VAL A 14 -0.99 17.41 16.48
N VAL A 15 -1.65 17.58 15.33
CA VAL A 15 -2.63 16.58 14.89
C VAL A 15 -1.97 15.24 14.65
N ASP A 16 -0.76 15.25 14.08
CA ASP A 16 -0.06 14.00 13.84
C ASP A 16 0.19 13.27 15.15
N PHE A 17 0.73 13.99 16.13
CA PHE A 17 1.08 13.36 17.39
C PHE A 17 -0.16 12.84 18.10
N LEU A 18 -1.21 13.67 18.17
CA LEU A 18 -2.42 13.24 18.85
C LEU A 18 -3.06 12.07 18.12
N SER A 19 -3.03 12.07 16.79
CA SER A 19 -3.56 10.93 16.04
C SER A 19 -2.84 9.66 16.41
N TYR A 20 -1.50 9.72 16.50
CA TYR A 20 -0.71 8.55 16.86
C TYR A 20 -1.08 8.04 18.24
N LYS A 21 -1.13 8.94 19.23
CA LYS A 21 -1.36 8.49 20.59
C LYS A 21 -2.79 7.96 20.75
N LEU A 22 -3.76 8.57 20.09
CA LEU A 22 -5.11 8.02 20.14
C LEU A 22 -5.14 6.60 19.56
N SER A 23 -4.42 6.39 18.47
CA SER A 23 -4.47 5.09 17.79
C SER A 23 -3.86 3.99 18.67
N GLN A 24 -2.85 4.33 19.46
CA GLN A 24 -2.25 3.35 20.36
C GLN A 24 -3.24 2.84 21.41
N LYS A 25 -4.31 3.60 21.66
CA LYS A 25 -5.31 3.23 22.65
C LYS A 25 -6.58 2.68 22.01
N GLY A 26 -6.54 2.37 20.73
CA GLY A 26 -7.72 1.90 20.03
C GLY A 26 -8.70 2.98 19.65
N TYR A 27 -8.32 4.24 19.81
CA TYR A 27 -9.14 5.37 19.40
C TYR A 27 -8.61 5.90 18.07
N SER A 28 -9.30 6.88 17.51
CA SER A 28 -8.83 7.46 16.26
C SER A 28 -9.18 8.94 16.24
N TRP A 29 -8.27 9.74 15.68
CA TRP A 29 -8.53 11.16 15.51
C TRP A 29 -9.70 11.38 14.57
N SER A 30 -9.80 10.55 13.54
CA SER A 30 -10.80 10.65 12.49
C SER A 30 -10.89 9.30 11.80
N GLN A 31 -11.94 9.13 11.00
CA GLN A 31 -12.03 7.92 10.16
C GLN A 31 -10.81 7.80 9.26
N MET A 32 -10.37 8.88 8.64
CA MET A 32 -9.18 8.84 7.78
CA MET A 32 -9.20 8.77 7.78
C MET A 32 -7.96 8.39 8.57
N ALA A 33 -7.82 8.86 9.82
CA ALA A 33 -6.68 8.44 10.62
C ALA A 33 -6.72 6.94 10.89
N ALA A 34 -7.93 6.39 11.07
CA ALA A 34 -8.04 4.95 11.29
C ALA A 34 -7.68 4.17 10.03
N VAL A 35 -8.06 4.68 8.87
CA VAL A 35 -7.68 4.04 7.61
C VAL A 35 -6.17 4.06 7.44
N LYS A 36 -5.56 5.23 7.66
CA LYS A 36 -4.11 5.35 7.55
C LYS A 36 -3.39 4.33 8.41
N GLN A 37 -3.78 4.22 9.68
CA GLN A 37 -3.07 3.31 10.58
C GLN A 37 -3.25 1.85 10.16
N ALA A 38 -4.46 1.46 9.80
CA ALA A 38 -4.68 0.08 9.38
C ALA A 38 -3.88 -0.23 8.12
N LEU A 39 -3.77 0.75 7.22
CA LEU A 39 -3.02 0.51 5.98
C LEU A 39 -1.52 0.44 6.25
N ARG A 40 -1.00 1.30 7.12
CA ARG A 40 0.39 1.16 7.54
C ARG A 40 0.67 -0.24 8.07
N GLU A 41 -0.21 -0.73 8.95
CA GLU A 41 -0.02 -2.05 9.54
C GLU A 41 -0.12 -3.15 8.49
N ALA A 42 -1.09 -3.02 7.60
CA ALA A 42 -1.25 -4.03 6.56
C ALA A 42 -0.06 -4.04 5.62
N GLY A 43 0.47 -2.85 5.31
CA GLY A 43 1.64 -2.76 4.46
C GLY A 43 2.87 -3.41 5.08
N ASP A 44 3.11 -3.15 6.37
CA ASP A 44 4.22 -3.83 7.05
C ASP A 44 4.07 -5.34 6.93
N GLU A 45 2.87 -5.85 7.18
CA GLU A 45 2.66 -7.28 7.13
C GLU A 45 2.80 -7.80 5.71
N PHE A 46 2.25 -7.06 4.74
CA PHE A 46 2.39 -7.47 3.34
C PHE A 46 3.86 -7.61 2.98
N GLU A 47 4.65 -6.60 3.32
CA GLU A 47 6.05 -6.58 2.94
C GLU A 47 6.82 -7.71 3.60
N LEU A 48 6.45 -8.07 4.84
CA LEU A 48 7.05 -9.22 5.50
C LEU A 48 6.73 -10.51 4.75
N ARG A 49 5.46 -10.70 4.41
CA ARG A 49 5.08 -11.92 3.70
C ARG A 49 5.72 -11.98 2.33
N TYR A 50 5.77 -10.84 1.64
CA TYR A 50 6.35 -10.80 0.30
C TYR A 50 7.83 -11.14 0.37
N ARG A 51 8.54 -10.52 1.32
CA ARG A 51 9.97 -10.77 1.49
C ARG A 51 10.27 -12.25 1.70
N ARG A 52 9.47 -12.93 2.53
CA ARG A 52 9.72 -14.33 2.83
C ARG A 52 9.51 -15.24 1.62
N ALA A 53 8.55 -14.89 0.75
CA ALA A 53 8.23 -15.72 -0.40
C ALA A 53 9.03 -15.40 -1.64
N PHE A 54 9.37 -14.11 -1.84
CA PHE A 54 9.87 -13.65 -3.12
C PHE A 54 11.08 -12.73 -3.05
N SER A 55 11.61 -12.44 -1.86
CA SER A 55 12.70 -11.49 -1.59
C SER A 55 12.15 -10.08 -1.46
N ASP A 56 12.92 -9.16 -0.87
CA ASP A 56 12.38 -7.84 -0.57
C ASP A 56 11.88 -7.15 -1.83
N LEU A 57 10.74 -6.47 -1.68
CA LEU A 57 10.09 -5.84 -2.82
C LEU A 57 10.96 -4.77 -3.47
N THR A 58 11.80 -4.08 -2.68
CA THR A 58 12.67 -3.06 -3.28
C THR A 58 13.77 -3.67 -4.12
N SER A 59 14.22 -4.88 -3.76
CA SER A 59 15.39 -5.47 -4.40
C SER A 59 15.16 -5.86 -5.84
N GLN A 60 13.92 -5.85 -6.32
CA GLN A 60 13.63 -6.37 -7.65
C GLN A 60 13.11 -5.30 -8.60
N LEU A 61 13.15 -4.03 -8.21
CA LEU A 61 12.53 -2.96 -8.99
C LEU A 61 13.55 -2.30 -9.89
N HIS A 62 13.11 -1.95 -11.11
CA HIS A 62 13.93 -1.20 -12.05
C HIS A 62 13.20 0.09 -12.40
N ILE A 63 13.91 1.21 -12.32
CA ILE A 63 13.29 2.49 -12.59
C ILE A 63 14.38 3.49 -12.96
N THR A 64 14.08 4.31 -13.95
CA THR A 64 14.84 5.48 -14.31
C THR A 64 13.80 6.55 -14.55
N PRO A 65 14.17 7.83 -14.48
CA PRO A 65 13.16 8.88 -14.74
C PRO A 65 12.51 8.72 -16.10
N GLY A 66 13.26 8.31 -17.12
CA GLY A 66 12.71 8.18 -18.46
C GLY A 66 11.75 7.02 -18.63
N THR A 67 11.77 6.06 -17.69
CA THR A 67 10.91 4.88 -17.77
C THR A 67 10.05 4.70 -16.54
N ALA A 68 9.93 5.73 -15.69
CA ALA A 68 9.30 5.55 -14.38
C ALA A 68 7.83 5.17 -14.50
N TYR A 69 7.09 5.81 -15.42
CA TYR A 69 5.69 5.43 -15.52
C TYR A 69 5.54 4.04 -16.09
N GLN A 70 6.36 3.70 -17.10
CA GLN A 70 6.34 2.35 -17.65
C GLN A 70 6.54 1.32 -16.56
N SER A 71 7.50 1.56 -15.67
CA SER A 71 7.74 0.64 -14.56
C SER A 71 6.52 0.54 -13.66
N PHE A 72 5.96 1.68 -13.29
CA PHE A 72 4.77 1.69 -12.44
C PHE A 72 3.62 0.91 -13.07
N GLU A 73 3.27 1.24 -14.32
CA GLU A 73 2.09 0.62 -14.92
C GLU A 73 2.33 -0.84 -15.26
N GLN A 74 3.55 -1.22 -15.65
CA GLN A 74 3.81 -2.64 -15.91
C GLN A 74 3.47 -3.49 -14.68
N VAL A 75 3.83 -3.00 -13.51
CA VAL A 75 3.55 -3.74 -12.28
C VAL A 75 2.07 -3.68 -11.95
N VAL A 76 1.51 -2.47 -11.90
CA VAL A 76 0.14 -2.33 -11.41
C VAL A 76 -0.84 -3.01 -12.36
N ASN A 77 -0.57 -2.97 -13.67
CA ASN A 77 -1.48 -3.62 -14.61
C ASN A 77 -1.54 -5.12 -14.36
N GLU A 78 -0.41 -5.74 -14.01
N GLU A 78 -0.41 -5.74 -14.02
CA GLU A 78 -0.41 -7.17 -13.77
CA GLU A 78 -0.43 -7.17 -13.76
C GLU A 78 -0.99 -7.50 -12.40
C GLU A 78 -1.05 -7.47 -12.41
N LEU A 79 -0.77 -6.64 -11.42
CA LEU A 79 -1.33 -6.87 -10.09
C LEU A 79 -2.84 -6.97 -10.15
N PHE A 80 -3.47 -6.10 -10.93
CA PHE A 80 -4.94 -6.04 -10.95
C PHE A 80 -5.52 -6.64 -12.22
N ARG A 81 -4.71 -7.34 -13.02
CA ARG A 81 -5.17 -7.87 -14.30
C ARG A 81 -6.40 -8.73 -14.13
N ASP A 82 -6.39 -9.61 -13.14
CA ASP A 82 -7.52 -10.53 -12.97
C ASP A 82 -8.22 -10.33 -11.63
N GLY A 83 -8.13 -9.14 -11.05
CA GLY A 83 -9.05 -8.84 -9.97
C GLY A 83 -8.52 -7.80 -9.01
N VAL A 84 -9.46 -7.19 -8.30
CA VAL A 84 -9.19 -6.30 -7.17
C VAL A 84 -9.69 -6.98 -5.91
N ASN A 85 -8.90 -6.89 -4.84
CA ASN A 85 -9.39 -7.25 -3.51
C ASN A 85 -8.56 -6.47 -2.50
N TRP A 86 -8.97 -6.52 -1.22
CA TRP A 86 -8.29 -5.69 -0.23
C TRP A 86 -6.80 -6.01 -0.13
N GLY A 87 -6.45 -7.29 -0.23
CA GLY A 87 -5.04 -7.65 -0.13
C GLY A 87 -4.23 -7.10 -1.29
N ARG A 88 -4.80 -7.12 -2.49
CA ARG A 88 -4.10 -6.55 -3.64
C ARG A 88 -4.04 -5.03 -3.56
N ILE A 89 -5.03 -4.39 -2.95
CA ILE A 89 -4.94 -2.96 -2.72
C ILE A 89 -3.78 -2.65 -1.77
N VAL A 90 -3.63 -3.47 -0.72
CA VAL A 90 -2.47 -3.32 0.17
C VAL A 90 -1.18 -3.50 -0.63
N ALA A 91 -1.14 -4.53 -1.49
CA ALA A 91 0.04 -4.77 -2.31
C ALA A 91 0.39 -3.54 -3.14
N PHE A 92 -0.63 -2.88 -3.67
CA PHE A 92 -0.44 -1.69 -4.50
C PHE A 92 0.23 -0.58 -3.70
N PHE A 93 -0.23 -0.33 -2.48
CA PHE A 93 0.44 0.65 -1.64
C PHE A 93 1.87 0.25 -1.35
N SER A 94 2.08 -1.01 -0.94
CA SER A 94 3.44 -1.45 -0.63
C SER A 94 4.36 -1.32 -1.83
N PHE A 95 3.84 -1.62 -3.03
CA PHE A 95 4.63 -1.45 -4.24
C PHE A 95 5.04 0.01 -4.42
N GLY A 96 4.09 0.92 -4.29
CA GLY A 96 4.42 2.33 -4.42
C GLY A 96 5.47 2.77 -3.41
N GLY A 97 5.34 2.31 -2.17
CA GLY A 97 6.36 2.62 -1.17
C GLY A 97 7.72 2.08 -1.56
N ALA A 98 7.77 0.84 -2.04
CA ALA A 98 9.05 0.27 -2.44
C ALA A 98 9.64 1.02 -3.63
N LEU A 99 8.79 1.41 -4.59
CA LEU A 99 9.27 2.14 -5.76
C LEU A 99 9.83 3.50 -5.36
N CYS A 100 9.21 4.13 -4.36
CA CYS A 100 9.73 5.41 -3.85
C CYS A 100 11.05 5.21 -3.14
N VAL A 101 11.16 4.18 -2.30
CA VAL A 101 12.42 3.89 -1.62
C VAL A 101 13.53 3.62 -2.63
N GLU A 102 13.23 2.80 -3.65
CA GLU A 102 14.24 2.52 -4.67
C GLU A 102 14.65 3.81 -5.39
N SER A 103 13.68 4.67 -5.69
CA SER A 103 14.00 5.92 -6.38
C SER A 103 14.93 6.78 -5.54
N VAL A 104 14.70 6.86 -4.23
CA VAL A 104 15.58 7.65 -3.38
C VAL A 104 16.95 7.01 -3.28
N ASP A 105 16.98 5.68 -3.11
CA ASP A 105 18.26 4.96 -3.08
C ASP A 105 19.12 5.33 -4.28
N LYS A 106 18.51 5.42 -5.46
CA LYS A 106 19.22 5.64 -6.71
C LYS A 106 19.33 7.13 -7.07
N GLU A 107 19.11 8.02 -6.11
CA GLU A 107 19.25 9.47 -6.31
CA GLU A 107 19.24 9.47 -6.32
C GLU A 107 18.28 9.96 -7.40
N MET A 108 17.08 9.40 -7.40
CA MET A 108 16.01 9.82 -8.31
C MET A 108 14.86 10.36 -7.49
N GLN A 109 15.16 11.27 -6.56
CA GLN A 109 14.15 11.75 -5.63
C GLN A 109 12.99 12.42 -6.34
N VAL A 110 13.24 12.98 -7.52
CA VAL A 110 12.19 13.63 -8.30
C VAL A 110 11.01 12.70 -8.56
N LEU A 111 11.23 11.39 -8.54
CA LEU A 111 10.18 10.44 -8.88
C LEU A 111 9.20 10.20 -7.74
N VAL A 112 9.59 10.48 -6.50
CA VAL A 112 8.70 10.22 -5.37
C VAL A 112 7.38 10.96 -5.55
N SER A 113 7.46 12.26 -5.86
CA SER A 113 6.24 13.03 -6.07
C SER A 113 5.44 12.51 -7.25
N ARG A 114 6.13 12.07 -8.30
CA ARG A 114 5.41 11.54 -9.46
C ARG A 114 4.68 10.26 -9.12
N ILE A 115 5.36 9.35 -8.42
CA ILE A 115 4.75 8.07 -8.04
C ILE A 115 3.54 8.30 -7.15
N ALA A 116 3.66 9.22 -6.18
CA ALA A 116 2.52 9.52 -5.32
C ALA A 116 1.32 9.97 -6.14
N SER A 117 1.55 10.84 -7.12
CA SER A 117 0.46 11.30 -7.98
C SER A 117 -0.13 10.16 -8.79
N TRP A 118 0.72 9.31 -9.38
CA TRP A 118 0.22 8.19 -10.16
C TRP A 118 -0.60 7.23 -9.30
N MET A 119 -0.17 7.02 -8.05
CA MET A 119 -0.92 6.16 -7.14
C MET A 119 -2.28 6.76 -6.84
N ALA A 120 -2.32 8.05 -6.51
CA ALA A 120 -3.60 8.67 -6.17
C ALA A 120 -4.56 8.64 -7.35
N THR A 121 -4.03 8.87 -8.56
CA THR A 121 -4.88 8.81 -9.74
C THR A 121 -5.39 7.40 -9.99
N TYR A 122 -4.53 6.40 -9.82
CA TYR A 122 -4.97 5.02 -10.02
C TYR A 122 -6.03 4.64 -8.98
N LEU A 123 -5.81 5.04 -7.74
CA LEU A 123 -6.81 4.83 -6.70
CA LEU A 123 -6.82 4.85 -6.69
C LEU A 123 -8.14 5.49 -7.08
N ASN A 124 -8.10 6.79 -7.43
CA ASN A 124 -9.31 7.51 -7.82
C ASN A 124 -10.04 6.82 -8.98
N ASP A 125 -9.31 6.47 -10.04
CA ASP A 125 -9.95 6.06 -11.27
C ASP A 125 -10.27 4.58 -11.33
N HIS A 126 -9.42 3.74 -10.75
CA HIS A 126 -9.48 2.30 -11.01
C HIS A 126 -9.71 1.45 -9.77
N LEU A 127 -9.52 1.97 -8.56
CA LEU A 127 -9.76 1.20 -7.35
C LEU A 127 -10.96 1.69 -6.56
N GLU A 128 -11.18 3.01 -6.54
CA GLU A 128 -12.36 3.56 -5.87
C GLU A 128 -13.68 2.93 -6.31
N PRO A 129 -13.95 2.67 -7.59
CA PRO A 129 -15.23 2.00 -7.92
C PRO A 129 -15.40 0.69 -7.18
N TRP A 130 -14.35 -0.14 -7.14
CA TRP A 130 -14.42 -1.40 -6.41
C TRP A 130 -14.58 -1.16 -4.92
N ILE A 131 -13.81 -0.22 -4.38
CA ILE A 131 -13.86 0.06 -2.95
C ILE A 131 -15.27 0.46 -2.55
N GLN A 132 -15.94 1.29 -3.35
CA GLN A 132 -17.26 1.76 -2.96
C GLN A 132 -18.30 0.66 -3.07
N GLU A 133 -18.06 -0.36 -3.88
CA GLU A 133 -18.98 -1.48 -3.99
C GLU A 133 -18.73 -2.55 -2.95
N ASN A 134 -17.65 -2.45 -2.18
CA ASN A 134 -17.25 -3.51 -1.27
C ASN A 134 -17.09 -3.00 0.15
N GLY A 135 -17.91 -2.04 0.53
CA GLY A 135 -17.99 -1.58 1.90
C GLY A 135 -17.20 -0.33 2.20
N GLY A 136 -16.45 0.19 1.23
CA GLY A 136 -15.67 1.39 1.46
C GLY A 136 -14.49 1.13 2.38
N TRP A 137 -13.73 2.20 2.63
CA TRP A 137 -12.58 2.07 3.52
C TRP A 137 -13.00 1.71 4.95
N ASP A 138 -14.26 1.95 5.33
CA ASP A 138 -14.70 1.53 6.65
C ASP A 138 -14.60 0.02 6.81
N THR A 139 -14.92 -0.72 5.74
CA THR A 139 -14.81 -2.17 5.79
C THR A 139 -13.35 -2.60 5.85
N PHE A 140 -12.48 -1.90 5.11
CA PHE A 140 -11.06 -2.20 5.23
C PHE A 140 -10.61 -2.08 6.67
N VAL A 141 -11.06 -1.03 7.37
CA VAL A 141 -10.64 -0.86 8.75
C VAL A 141 -11.19 -1.99 9.62
N GLU A 142 -12.43 -2.41 9.37
CA GLU A 142 -13.00 -3.53 10.11
C GLU A 142 -12.17 -4.79 9.89
N LEU A 143 -11.70 -5.01 8.67
CA LEU A 143 -10.98 -6.24 8.38
C LEU A 143 -9.52 -6.17 8.80
N TYR A 144 -8.88 -5.00 8.70
CA TYR A 144 -7.44 -4.89 8.88
C TYR A 144 -7.01 -4.09 10.09
N GLY A 145 -7.91 -3.33 10.71
CA GLY A 145 -7.52 -2.54 11.88
C GLY A 145 -7.05 -3.41 13.02
N ASN A 146 -6.36 -2.77 13.97
CA ASN A 146 -5.75 -3.47 15.10
C ASN A 146 -4.75 -4.52 14.64
N ASN A 147 -4.02 -4.18 13.56
CA ASN A 147 -2.91 -5.02 13.11
C ASN A 147 -3.38 -6.45 12.82
N ALA A 148 -4.59 -6.58 12.27
CA ALA A 148 -5.27 -7.86 12.24
C ALA A 148 -4.55 -8.89 11.37
N ALA A 149 -4.00 -8.46 10.23
CA ALA A 149 -3.35 -9.42 9.35
C ALA A 149 -2.11 -10.02 10.01
N ALA A 150 -1.32 -9.20 10.70
CA ALA A 150 -0.14 -9.71 11.39
C ALA A 150 -0.54 -10.64 12.54
N GLU A 151 -1.54 -10.24 13.32
CA GLU A 151 -1.97 -11.07 14.44
C GLU A 151 -2.50 -12.42 13.96
N SER A 152 -3.06 -12.47 12.75
CA SER A 152 -3.50 -13.74 12.19
C SER A 152 -2.31 -14.68 11.96
N ARG A 153 -1.26 -14.16 11.30
CA ARG A 153 -0.07 -14.98 11.08
C ARG A 153 0.62 -15.36 12.39
N LYS A 154 0.70 -14.40 13.32
CA LYS A 154 1.36 -14.68 14.60
C LYS A 154 0.70 -15.86 15.31
N GLY A 155 -0.62 -15.98 15.19
CA GLY A 155 -1.31 -17.06 15.88
C GLY A 155 -1.04 -18.42 15.26
N GLN A 156 -0.92 -18.47 13.93
CA GLN A 156 -0.70 -19.73 13.23
C GLN A 156 0.77 -20.13 13.25
N SER B 7 7.37 -8.99 -18.89
CA SER B 7 8.51 -8.19 -18.48
C SER B 7 8.94 -8.53 -17.05
N THR B 8 10.11 -8.04 -16.65
CA THR B 8 10.55 -8.22 -15.26
C THR B 8 9.60 -7.54 -14.29
N MET B 9 9.19 -6.31 -14.59
CA MET B 9 8.25 -5.65 -13.70
C MET B 9 6.88 -6.30 -13.76
N GLY B 10 6.50 -6.87 -14.92
CA GLY B 10 5.26 -7.63 -14.97
C GLY B 10 5.26 -8.81 -13.99
N GLN B 11 6.39 -9.51 -13.90
CA GLN B 11 6.49 -10.63 -12.96
C GLN B 11 6.40 -10.16 -11.51
N VAL B 12 6.91 -8.95 -11.20
CA VAL B 12 6.70 -8.39 -9.87
C VAL B 12 5.21 -8.22 -9.61
N GLY B 13 4.47 -7.69 -10.58
CA GLY B 13 3.03 -7.53 -10.41
C GLY B 13 2.33 -8.84 -10.10
N ARG B 14 2.72 -9.91 -10.80
CA ARG B 14 2.14 -11.23 -10.53
C ARG B 14 2.45 -11.68 -9.11
N GLN B 15 3.69 -11.47 -8.66
CA GLN B 15 4.05 -11.87 -7.30
C GLN B 15 3.30 -11.03 -6.26
N LEU B 16 3.13 -9.73 -6.53
CA LEU B 16 2.32 -8.90 -5.64
C LEU B 16 0.89 -9.45 -5.53
N ALA B 17 0.33 -9.88 -6.66
CA ALA B 17 -1.04 -10.42 -6.62
C ALA B 17 -1.10 -11.68 -5.79
N ILE B 18 -0.08 -12.53 -5.90
CA ILE B 18 -0.06 -13.78 -5.13
C ILE B 18 -0.06 -13.49 -3.64
N ILE B 19 0.84 -12.62 -3.19
CA ILE B 19 0.88 -12.27 -1.77
C ILE B 19 -0.34 -11.46 -1.38
N GLY B 20 -0.85 -10.63 -2.29
CA GLY B 20 -2.08 -9.90 -1.99
C GLY B 20 -3.23 -10.84 -1.72
N ASP B 21 -3.34 -11.91 -2.51
CA ASP B 21 -4.38 -12.90 -2.25
C ASP B 21 -4.16 -13.61 -0.93
N ASP B 22 -2.90 -13.79 -0.52
CA ASP B 22 -2.61 -14.43 0.75
CA ASP B 22 -2.60 -14.43 0.76
C ASP B 22 -3.06 -13.58 1.93
N ILE B 23 -2.82 -12.26 1.87
CA ILE B 23 -3.16 -11.37 2.97
C ILE B 23 -4.58 -10.85 2.87
N ASN B 24 -5.29 -11.19 1.80
CA ASN B 24 -6.67 -10.78 1.62
C ASN B 24 -7.53 -11.32 2.75
N ARG B 25 -8.42 -10.47 3.27
CA ARG B 25 -9.28 -10.87 4.37
C ARG B 25 -10.74 -10.69 4.01
N ARG B 26 -11.58 -11.58 4.55
CA ARG B 26 -13.02 -11.59 4.35
C ARG B 26 -13.73 -11.63 5.69
N TYR B 27 -14.99 -11.26 5.69
CA TYR B 27 -15.82 -11.34 6.88
C TYR B 27 -16.04 -12.79 7.31
#